data_8TF1
#
_entry.id   8TF1
#
_cell.length_a   91.952
_cell.length_b   75.745
_cell.length_c   43.094
_cell.angle_alpha   90.00
_cell.angle_beta   90.00
_cell.angle_gamma   90.00
#
_symmetry.space_group_name_H-M   'P 21 21 2'
#
loop_
_entity.id
_entity.type
_entity.pdbx_description
1 polymer 'Pyridoxine 4-dehydrogenase'
2 non-polymer 'NADP NICOTINAMIDE-ADENINE-DINUCLEOTIDE PHOSPHATE'
3 non-polymer 4,5-bis(hydroxymethyl)-2-methyl-pyridin-3-ol
4 non-polymer 'MAGNESIUM ION'
5 water water
#
_entity_poly.entity_id   1
_entity_poly.type   'polypeptide(L)'
_entity_poly.pdbx_seq_one_letter_code
;MGSSHHHHHHSSGLVPRGSHMSSNTFTLGTKSVNRLGYGAMQLAGPGVFGPPRDRHVAITVLREALALGVNHIDTSDFYG
PHVTNQIIREALYPYSDDLTIVTKIGARRGEDASWLPAFSPAELQKAVHDNLRNLGLDVLDVVNLRVMMGDGHGPAEGSI
EASLTVLAEMQQQGLVKHIGLSNVTPTQVAEARKIAEIVCVQNEYNIAHRADDAMIDALAHDGIAYVPFFPLGGFTPLQS
STLSDVAASLGATPMQVALAWLLQRSPNILLIPGTSSVAHLRENMAAEKLHLSEEVLSTLDGISRE
;
_entity_poly.pdbx_strand_id   A
#
# COMPACT_ATOMS: atom_id res chain seq x y z
N HIS A 20 18.58 9.79 5.82
CA HIS A 20 18.20 8.96 6.97
C HIS A 20 17.97 9.81 8.23
N MET A 21 17.48 11.03 8.05
CA MET A 21 17.06 11.85 9.18
C MET A 21 15.90 11.17 9.90
N SER A 22 14.95 10.66 9.11
CA SER A 22 13.88 9.82 9.63
C SER A 22 14.33 8.36 9.67
N SER A 23 13.84 7.62 10.67
CA SER A 23 14.10 6.19 10.76
C SER A 23 13.65 5.46 9.50
N ASN A 24 14.33 4.36 9.17
CA ASN A 24 13.88 3.48 8.10
C ASN A 24 12.86 2.42 8.57
N THR A 25 12.44 2.50 9.84
CA THR A 25 11.37 1.63 10.32
C THR A 25 10.22 2.42 10.96
N PHE A 26 9.06 1.76 11.08
CA PHE A 26 7.89 2.34 11.74
C PHE A 26 7.05 1.20 12.32
N THR A 27 6.25 1.47 13.36
CA THR A 27 5.45 0.40 13.94
C THR A 27 4.06 0.35 13.32
N LEU A 28 3.79 -0.73 12.60
CA LEU A 28 2.49 -0.93 11.98
C LEU A 28 1.68 -1.88 12.86
N GLY A 29 0.68 -1.32 13.54
CA GLY A 29 -0.02 -2.08 14.54
C GLY A 29 0.91 -2.36 15.72
N THR A 30 1.38 -3.59 15.83
CA THR A 30 2.31 -3.95 16.90
C THR A 30 3.61 -4.56 16.38
N LYS A 31 3.81 -4.56 15.06
CA LYS A 31 5.06 -5.06 14.48
C LYS A 31 5.89 -3.93 13.86
N SER A 32 7.21 -4.02 13.98
CA SER A 32 8.07 -3.06 13.31
C SER A 32 8.09 -3.42 11.83
N VAL A 33 7.97 -2.43 10.96
CA VAL A 33 8.19 -2.70 9.54
C VAL A 33 9.25 -1.78 8.95
N ASN A 34 9.98 -2.33 7.98
CA ASN A 34 10.85 -1.56 7.09
C ASN A 34 9.97 -0.69 6.20
N ARG A 35 10.28 0.59 6.14
CA ARG A 35 9.44 1.52 5.42
C ARG A 35 9.57 1.34 3.90
N LEU A 36 10.57 0.61 3.43
CA LEU A 36 10.55 0.19 2.04
C LEU A 36 9.92 -1.19 1.97
N GLY A 37 8.66 -1.24 1.57
CA GLY A 37 7.96 -2.51 1.50
C GLY A 37 7.68 -2.87 0.06
N TYR A 38 6.77 -3.82 -0.13
CA TYR A 38 6.50 -4.35 -1.47
C TYR A 38 4.99 -4.46 -1.69
N GLY A 39 4.51 -3.88 -2.79
CA GLY A 39 3.10 -4.06 -3.15
C GLY A 39 2.98 -5.18 -4.17
N ALA A 40 2.05 -6.09 -3.97
CA ALA A 40 1.99 -7.30 -4.80
C ALA A 40 1.05 -7.19 -6.00
N MET A 41 0.48 -6.00 -6.23
CA MET A 41 -0.51 -5.83 -7.30
C MET A 41 -0.01 -6.18 -8.71
N GLN A 42 1.29 -6.14 -8.96
CA GLN A 42 1.76 -6.51 -10.31
C GLN A 42 1.86 -8.02 -10.50
N LEU A 43 1.59 -8.80 -9.46
CA LEU A 43 1.71 -10.24 -9.60
C LEU A 43 0.37 -10.87 -9.97
N ALA A 44 -0.12 -10.46 -11.14
CA ALA A 44 -1.35 -10.95 -11.73
C ALA A 44 -1.34 -10.48 -13.17
N GLY A 45 -2.32 -10.93 -13.97
CA GLY A 45 -2.33 -10.58 -15.38
C GLY A 45 -2.78 -9.16 -15.62
N PRO A 46 -2.82 -8.74 -16.89
CA PRO A 46 -3.20 -7.37 -17.25
C PRO A 46 -4.53 -6.99 -16.63
N GLY A 47 -4.62 -5.77 -16.12
CA GLY A 47 -5.82 -5.33 -15.42
C GLY A 47 -5.90 -5.89 -14.01
N VAL A 48 -4.78 -6.44 -13.52
CA VAL A 48 -4.70 -7.14 -12.23
C VAL A 48 -5.72 -8.31 -12.23
N PHE A 49 -5.74 -9.04 -13.34
CA PHE A 49 -6.76 -10.07 -13.57
C PHE A 49 -6.10 -11.30 -14.17
N GLY A 50 -6.42 -12.47 -13.64
CA GLY A 50 -5.82 -13.70 -14.07
C GLY A 50 -4.36 -13.84 -13.64
N PRO A 51 -3.72 -14.95 -14.02
CA PRO A 51 -2.32 -15.21 -13.65
C PRO A 51 -1.33 -14.21 -14.24
N PRO A 52 -0.20 -14.01 -13.57
CA PRO A 52 0.87 -13.19 -14.14
C PRO A 52 1.49 -13.88 -15.35
N ARG A 53 2.20 -13.12 -16.18
CA ARG A 53 2.80 -13.66 -17.39
C ARG A 53 3.72 -14.84 -17.05
N ASP A 54 4.47 -14.71 -15.97
CA ASP A 54 5.33 -15.80 -15.54
C ASP A 54 5.26 -15.98 -14.01
N ARG A 55 4.59 -17.05 -13.58
CA ARG A 55 4.48 -17.35 -12.14
C ARG A 55 5.85 -17.59 -11.51
N HIS A 56 6.79 -18.12 -12.29
CA HIS A 56 8.14 -18.36 -11.79
C HIS A 56 8.81 -17.06 -11.38
N VAL A 57 8.67 -16.03 -12.21
CA VAL A 57 9.32 -14.76 -11.93
C VAL A 57 8.65 -14.12 -10.72
N ALA A 58 7.33 -14.21 -10.65
CA ALA A 58 6.59 -13.72 -9.49
C ALA A 58 7.11 -14.29 -8.16
N ILE A 59 7.33 -15.60 -8.12
CA ILE A 59 7.84 -16.27 -6.93
C ILE A 59 9.23 -15.77 -6.59
N THR A 60 10.06 -15.60 -7.61
CA THR A 60 11.42 -15.11 -7.45
C THR A 60 11.46 -13.69 -6.85
N VAL A 61 10.62 -12.81 -7.38
CA VAL A 61 10.53 -11.45 -6.87
C VAL A 61 10.15 -11.42 -5.40
N LEU A 62 9.15 -12.22 -5.00
CA LEU A 62 8.75 -12.22 -3.60
C LEU A 62 9.88 -12.69 -2.68
N ARG A 63 10.55 -13.77 -3.07
CA ARG A 63 11.68 -14.27 -2.27
C ARG A 63 12.84 -13.28 -2.19
N GLU A 64 13.19 -12.66 -3.31
CA GLU A 64 14.25 -11.66 -3.31
C GLU A 64 13.88 -10.45 -2.44
N ALA A 65 12.60 -10.08 -2.43
CA ALA A 65 12.16 -8.93 -1.64
C ALA A 65 12.46 -9.20 -0.17
N LEU A 66 12.08 -10.37 0.31
CA LEU A 66 12.40 -10.74 1.68
C LEU A 66 13.90 -10.75 1.90
N ALA A 67 14.64 -11.33 0.94
CA ALA A 67 16.11 -11.35 1.02
C ALA A 67 16.69 -9.95 1.20
N LEU A 68 16.08 -8.97 0.56
CA LEU A 68 16.54 -7.58 0.62
C LEU A 68 16.04 -6.82 1.82
N GLY A 69 15.30 -7.49 2.71
CA GLY A 69 14.84 -6.84 3.92
C GLY A 69 13.38 -6.37 3.95
N VAL A 70 12.63 -6.65 2.89
CA VAL A 70 11.19 -6.36 2.91
C VAL A 70 10.50 -7.20 3.98
N ASN A 71 9.74 -6.55 4.88
CA ASN A 71 8.90 -7.30 5.82
C ASN A 71 7.47 -6.74 5.92
N HIS A 72 7.07 -6.02 4.87
CA HIS A 72 5.72 -5.46 4.70
C HIS A 72 5.30 -5.71 3.26
N ILE A 73 4.35 -6.60 3.07
CA ILE A 73 3.79 -6.88 1.77
C ILE A 73 2.33 -6.46 1.77
N ASP A 74 1.97 -5.67 0.76
CA ASP A 74 0.58 -5.25 0.57
C ASP A 74 -0.08 -6.09 -0.52
N THR A 75 -1.26 -6.63 -0.23
CA THR A 75 -1.93 -7.49 -1.19
C THR A 75 -3.46 -7.31 -1.13
N SER A 76 -4.16 -8.11 -1.91
CA SER A 76 -5.63 -8.19 -1.86
C SER A 76 -6.07 -9.50 -2.47
N ASP A 77 -7.15 -10.09 -1.94
CA ASP A 77 -7.69 -11.29 -2.57
C ASP A 77 -8.44 -10.96 -3.86
N PHE A 78 -8.81 -9.69 -4.07
CA PHE A 78 -9.43 -9.37 -5.36
C PHE A 78 -8.37 -8.90 -6.38
N TYR A 79 -7.09 -9.12 -6.07
CA TYR A 79 -6.07 -9.10 -7.13
C TYR A 79 -6.06 -10.44 -7.84
N GLY A 80 -6.48 -10.40 -9.10
CA GLY A 80 -6.49 -11.53 -9.99
C GLY A 80 -7.72 -12.39 -9.91
N PRO A 81 -8.67 -12.01 -9.03
CA PRO A 81 -9.03 -12.62 -7.75
C PRO A 81 -8.19 -13.85 -7.41
N HIS A 82 -7.79 -13.93 -6.14
CA HIS A 82 -7.24 -15.14 -5.51
C HIS A 82 -5.80 -15.48 -5.89
N VAL A 83 -5.44 -15.33 -7.15
CA VAL A 83 -4.17 -15.89 -7.62
C VAL A 83 -2.96 -15.18 -6.99
N THR A 84 -3.05 -13.88 -6.74
CA THR A 84 -1.92 -13.17 -6.17
C THR A 84 -1.60 -13.69 -4.77
N ASN A 85 -2.61 -13.85 -3.93
CA ASN A 85 -2.44 -14.40 -2.59
C ASN A 85 -1.89 -15.83 -2.63
N GLN A 86 -2.40 -16.63 -3.54
CA GLN A 86 -1.91 -18.00 -3.67
C GLN A 86 -0.44 -18.06 -4.11
N ILE A 87 0.00 -17.07 -4.87
CA ILE A 87 1.41 -16.98 -5.26
C ILE A 87 2.30 -16.60 -4.07
N ILE A 88 1.86 -15.61 -3.30
CA ILE A 88 2.49 -15.24 -2.05
C ILE A 88 2.63 -16.47 -1.13
N ARG A 89 1.56 -17.26 -1.06
CA ARG A 89 1.58 -18.49 -0.27
C ARG A 89 2.59 -19.51 -0.80
N GLU A 90 2.54 -19.83 -2.09
CA GLU A 90 3.51 -20.76 -2.66
C GLU A 90 4.95 -20.26 -2.50
N ALA A 91 5.17 -18.97 -2.64
CA ALA A 91 6.53 -18.43 -2.58
C ALA A 91 7.11 -18.34 -1.17
N LEU A 92 6.26 -17.96 -0.20
CA LEU A 92 6.76 -17.53 1.11
C LEU A 92 6.26 -18.35 2.32
N TYR A 93 5.18 -19.09 2.16
CA TYR A 93 4.68 -19.87 3.30
C TYR A 93 5.66 -21.03 3.62
N PRO A 94 5.97 -21.26 4.90
CA PRO A 94 5.49 -20.57 6.12
C PRO A 94 6.18 -19.23 6.37
N TYR A 95 5.38 -18.22 6.70
CA TYR A 95 5.90 -16.86 6.84
C TYR A 95 6.66 -16.68 8.16
N SER A 96 7.71 -15.87 8.11
CA SER A 96 8.40 -15.47 9.32
C SER A 96 7.52 -14.62 10.22
N ASP A 97 7.85 -14.59 11.52
CA ASP A 97 7.08 -13.80 12.48
C ASP A 97 7.28 -12.30 12.24
N ASP A 98 8.36 -11.96 11.57
CA ASP A 98 8.75 -10.58 11.30
C ASP A 98 7.93 -9.98 10.13
N LEU A 99 7.29 -10.83 9.33
CA LEU A 99 6.56 -10.38 8.15
C LEU A 99 5.16 -9.86 8.47
N THR A 100 4.83 -8.66 7.98
CA THR A 100 3.44 -8.20 7.98
C THR A 100 2.82 -8.31 6.60
N ILE A 101 1.72 -9.05 6.48
CA ILE A 101 0.97 -9.03 5.23
C ILE A 101 -0.29 -8.21 5.44
N VAL A 102 -0.40 -7.12 4.67
CA VAL A 102 -1.58 -6.24 4.72
C VAL A 102 -2.48 -6.57 3.54
N THR A 103 -3.75 -6.81 3.79
CA THR A 103 -4.69 -7.00 2.69
C THR A 103 -5.83 -5.97 2.80
N LYS A 104 -6.70 -5.95 1.80
CA LYS A 104 -7.78 -4.96 1.72
C LYS A 104 -9.05 -5.62 1.21
N ILE A 105 -10.20 -5.18 1.74
CA ILE A 105 -11.49 -5.71 1.33
C ILE A 105 -12.42 -4.56 1.00
N GLY A 106 -13.58 -4.87 0.42
CA GLY A 106 -14.54 -3.83 0.07
C GLY A 106 -14.86 -3.80 -1.40
N ALA A 107 -14.16 -4.61 -2.19
CA ALA A 107 -14.43 -4.67 -3.62
C ALA A 107 -14.38 -6.11 -4.12
N ARG A 108 -14.99 -6.36 -5.28
CA ARG A 108 -14.89 -7.67 -5.90
C ARG A 108 -14.74 -7.49 -7.41
N ARG A 109 -14.34 -8.55 -8.09
CA ARG A 109 -14.07 -8.48 -9.53
C ARG A 109 -15.17 -9.15 -10.35
N GLY A 110 -15.70 -8.43 -11.33
CA GLY A 110 -16.58 -9.04 -12.32
C GLY A 110 -15.81 -10.01 -13.23
N GLU A 111 -16.54 -10.84 -13.97
CA GLU A 111 -15.93 -11.76 -14.92
C GLU A 111 -15.26 -11.01 -16.09
N ASP A 112 -15.63 -9.75 -16.28
CA ASP A 112 -15.02 -8.87 -17.28
C ASP A 112 -13.89 -8.02 -16.67
N ALA A 113 -13.29 -8.53 -15.59
CA ALA A 113 -12.20 -7.85 -14.86
C ALA A 113 -12.58 -6.49 -14.25
N SER A 114 -13.88 -6.18 -14.17
CA SER A 114 -14.29 -4.90 -13.56
C SER A 114 -14.03 -4.90 -12.05
N TRP A 115 -14.12 -3.72 -11.44
CA TRP A 115 -13.93 -3.54 -10.00
C TRP A 115 -15.25 -3.08 -9.39
N LEU A 116 -15.90 -3.95 -8.62
CA LEU A 116 -17.24 -3.67 -8.10
C LEU A 116 -17.24 -3.50 -6.58
N PRO A 117 -18.10 -2.60 -6.07
CA PRO A 117 -18.29 -2.49 -4.62
C PRO A 117 -18.77 -3.79 -4.00
N ALA A 118 -18.29 -4.07 -2.80
CA ALA A 118 -18.58 -5.32 -2.12
C ALA A 118 -18.54 -5.08 -0.62
N PHE A 119 -19.53 -4.32 -0.15
CA PHE A 119 -19.57 -3.82 1.21
C PHE A 119 -20.68 -4.43 2.06
N SER A 120 -21.49 -5.34 1.51
CA SER A 120 -22.47 -6.02 2.35
C SER A 120 -21.73 -6.85 3.39
N PRO A 121 -22.34 -7.02 4.59
CA PRO A 121 -21.73 -7.87 5.60
C PRO A 121 -21.32 -9.25 5.09
N ALA A 122 -22.15 -9.89 4.25
CA ALA A 122 -21.81 -11.20 3.69
C ALA A 122 -20.55 -11.16 2.81
N GLU A 123 -20.41 -10.06 2.05
CA GLU A 123 -19.28 -9.92 1.14
C GLU A 123 -17.97 -9.66 1.90
N LEU A 124 -18.03 -8.81 2.91
CA LEU A 124 -16.85 -8.47 3.70
C LEU A 124 -16.35 -9.69 4.48
N GLN A 125 -17.29 -10.48 5.00
CA GLN A 125 -16.97 -11.71 5.71
C GLN A 125 -16.34 -12.75 4.77
N LYS A 126 -16.91 -12.88 3.58
CA LYS A 126 -16.38 -13.78 2.57
C LYS A 126 -14.97 -13.36 2.18
N ALA A 127 -14.77 -12.06 1.95
CA ALA A 127 -13.45 -11.51 1.62
C ALA A 127 -12.41 -11.87 2.68
N VAL A 128 -12.72 -11.65 3.96
CA VAL A 128 -11.76 -11.99 5.01
C VAL A 128 -11.48 -13.49 4.99
N HIS A 129 -12.54 -14.26 4.84
CA HIS A 129 -12.51 -15.72 4.72
C HIS A 129 -11.60 -16.16 3.55
N ASP A 130 -11.79 -15.55 2.38
CA ASP A 130 -10.97 -15.86 1.21
C ASP A 130 -9.49 -15.55 1.45
N ASN A 131 -9.20 -14.40 2.05
CA ASN A 131 -7.81 -14.02 2.33
C ASN A 131 -7.13 -15.04 3.23
N LEU A 132 -7.84 -15.41 4.29
CA LEU A 132 -7.34 -16.41 5.22
C LEU A 132 -6.97 -17.71 4.50
N ARG A 133 -7.86 -18.20 3.64
CA ARG A 133 -7.65 -19.48 2.96
C ARG A 133 -6.49 -19.39 1.96
N ASN A 134 -6.53 -18.35 1.15
CA ASN A 134 -5.59 -18.24 0.04
C ASN A 134 -4.18 -17.87 0.49
N LEU A 135 -4.07 -17.14 1.60
CA LEU A 135 -2.76 -16.88 2.19
C LEU A 135 -2.29 -18.01 3.10
N GLY A 136 -3.21 -18.87 3.53
CA GLY A 136 -2.87 -19.92 4.48
C GLY A 136 -2.71 -19.43 5.91
N LEU A 137 -3.53 -18.46 6.31
CA LEU A 137 -3.41 -17.83 7.63
C LEU A 137 -4.63 -18.10 8.48
N ASP A 138 -4.47 -17.96 9.80
CA ASP A 138 -5.56 -18.11 10.74
C ASP A 138 -6.04 -16.75 11.25
N VAL A 139 -5.12 -15.77 11.22
CA VAL A 139 -5.44 -14.39 11.56
C VAL A 139 -4.77 -13.47 10.53
N LEU A 140 -5.47 -12.41 10.12
CA LEU A 140 -4.87 -11.40 9.27
C LEU A 140 -4.28 -10.28 10.11
N ASP A 141 -3.03 -9.90 9.85
CA ASP A 141 -2.37 -8.82 10.58
C ASP A 141 -3.09 -7.49 10.46
N VAL A 142 -3.32 -7.07 9.22
CA VAL A 142 -3.97 -5.79 8.94
C VAL A 142 -4.91 -5.96 7.75
N VAL A 143 -6.17 -5.57 7.95
CA VAL A 143 -7.12 -5.47 6.85
C VAL A 143 -7.53 -4.02 6.65
N ASN A 144 -7.22 -3.48 5.48
CA ASN A 144 -7.73 -2.18 5.05
C ASN A 144 -9.16 -2.28 4.51
N LEU A 145 -10.02 -1.38 4.96
CA LEU A 145 -11.32 -1.21 4.33
C LEU A 145 -11.16 -0.24 3.16
N ARG A 146 -11.30 -0.74 1.93
CA ARG A 146 -11.17 0.10 0.75
C ARG A 146 -12.51 0.80 0.45
N VAL A 147 -12.56 2.09 0.72
CA VAL A 147 -13.80 2.83 0.62
C VAL A 147 -14.02 3.28 -0.82
N MET A 148 -15.27 3.23 -1.28
CA MET A 148 -15.59 3.57 -2.66
C MET A 148 -16.90 4.36 -2.71
N MET A 149 -16.88 5.61 -2.24
CA MET A 149 -18.06 6.48 -2.26
C MET A 149 -18.07 7.37 -3.50
N GLY A 150 -19.26 7.53 -4.10
CA GLY A 150 -19.36 8.33 -5.31
C GLY A 150 -18.98 7.58 -6.57
N ASP A 151 -19.19 8.21 -7.72
CA ASP A 151 -18.97 7.58 -9.01
C ASP A 151 -17.56 7.83 -9.55
N GLY A 152 -16.91 8.88 -9.06
CA GLY A 152 -15.52 9.14 -9.38
C GLY A 152 -14.61 8.14 -8.66
N HIS A 153 -13.30 8.28 -8.79
CA HIS A 153 -12.42 7.23 -8.29
C HIS A 153 -11.79 7.50 -6.91
N GLY A 154 -11.48 8.76 -6.60
CA GLY A 154 -10.77 9.05 -5.37
C GLY A 154 -11.64 9.05 -4.12
N PRO A 155 -11.13 9.63 -3.02
CA PRO A 155 -11.94 9.74 -1.82
C PRO A 155 -13.16 10.64 -2.02
N ALA A 156 -14.23 10.35 -1.29
CA ALA A 156 -15.45 11.15 -1.30
C ALA A 156 -16.20 10.89 0.01
N GLU A 157 -16.93 11.90 0.50
CA GLU A 157 -17.58 11.80 1.80
C GLU A 157 -18.78 10.85 1.82
N GLY A 158 -19.17 10.43 3.02
CA GLY A 158 -20.22 9.45 3.19
C GLY A 158 -19.83 8.50 4.31
N SER A 159 -20.79 8.18 5.18
CA SER A 159 -20.50 7.36 6.34
C SER A 159 -19.98 5.96 5.95
N ILE A 160 -18.97 5.50 6.67
CA ILE A 160 -18.43 4.17 6.47
C ILE A 160 -18.73 3.28 7.68
N GLU A 161 -19.67 3.71 8.52
CA GLU A 161 -19.89 3.03 9.79
C GLU A 161 -20.30 1.57 9.61
N ALA A 162 -21.20 1.31 8.66
CA ALA A 162 -21.75 -0.02 8.43
C ALA A 162 -20.67 -1.07 8.08
N SER A 163 -19.80 -0.74 7.12
CA SER A 163 -18.72 -1.65 6.75
C SER A 163 -17.75 -1.81 7.88
N LEU A 164 -17.39 -0.68 8.49
CA LEU A 164 -16.38 -0.72 9.55
C LEU A 164 -16.86 -1.51 10.75
N THR A 165 -18.16 -1.40 11.06
CA THR A 165 -18.77 -2.21 12.12
C THR A 165 -18.58 -3.70 11.85
N VAL A 166 -18.79 -4.12 10.60
CA VAL A 166 -18.59 -5.51 10.21
C VAL A 166 -17.12 -5.92 10.42
N LEU A 167 -16.18 -5.10 9.95
CA LEU A 167 -14.76 -5.40 10.15
C LEU A 167 -14.42 -5.48 11.64
N ALA A 168 -14.97 -4.57 12.44
CA ALA A 168 -14.75 -4.58 13.88
C ALA A 168 -15.21 -5.88 14.56
N GLU A 169 -16.30 -6.48 14.06
CA GLU A 169 -16.76 -7.76 14.58
C GLU A 169 -15.74 -8.86 14.32
N MET A 170 -15.20 -8.88 13.11
CA MET A 170 -14.23 -9.92 12.76
C MET A 170 -12.97 -9.74 13.58
N GLN A 171 -12.62 -8.50 13.89
CA GLN A 171 -11.53 -8.22 14.80
C GLN A 171 -11.82 -8.80 16.19
N GLN A 172 -13.03 -8.55 16.69
CA GLN A 172 -13.38 -9.05 18.02
C GLN A 172 -13.42 -10.58 18.02
N GLN A 173 -13.72 -11.17 16.86
CA GLN A 173 -13.72 -12.62 16.75
C GLN A 173 -12.33 -13.20 16.52
N GLY A 174 -11.32 -12.35 16.43
CA GLY A 174 -9.93 -12.78 16.32
C GLY A 174 -9.45 -13.15 14.91
N LEU A 175 -10.23 -12.83 13.89
CA LEU A 175 -9.85 -13.13 12.50
C LEU A 175 -8.94 -12.05 11.93
N VAL A 176 -9.11 -10.84 12.47
CA VAL A 176 -8.39 -9.66 12.03
C VAL A 176 -7.74 -9.02 13.25
N LYS A 177 -6.43 -8.83 13.22
CA LYS A 177 -5.76 -8.19 14.34
C LYS A 177 -5.98 -6.68 14.35
N HIS A 178 -5.67 -6.04 13.22
CA HIS A 178 -5.69 -4.58 13.10
C HIS A 178 -6.46 -4.13 11.86
N ILE A 179 -7.08 -2.96 11.98
CA ILE A 179 -7.90 -2.40 10.91
C ILE A 179 -7.24 -1.16 10.34
N GLY A 180 -7.28 -1.02 9.02
CA GLY A 180 -6.85 0.21 8.40
C GLY A 180 -7.90 0.69 7.41
N LEU A 181 -7.60 1.79 6.74
CA LEU A 181 -8.52 2.41 5.79
C LEU A 181 -7.81 2.72 4.49
N SER A 182 -8.53 2.57 3.39
CA SER A 182 -7.97 2.93 2.09
C SER A 182 -8.95 3.79 1.30
N ASN A 183 -8.40 4.79 0.61
CA ASN A 183 -9.16 5.75 -0.18
C ASN A 183 -10.18 6.55 0.62
N VAL A 184 -9.73 7.27 1.64
CA VAL A 184 -10.66 7.95 2.57
C VAL A 184 -10.37 9.44 2.74
N THR A 185 -11.42 10.16 3.12
CA THR A 185 -11.36 11.58 3.44
C THR A 185 -10.88 11.75 4.88
N PRO A 186 -10.36 12.94 5.22
CA PRO A 186 -10.04 13.15 6.63
C PRO A 186 -11.25 12.97 7.56
N THR A 187 -12.46 13.28 7.10
CA THR A 187 -13.66 13.09 7.93
C THR A 187 -13.97 11.62 8.14
N GLN A 188 -13.78 10.81 7.09
CA GLN A 188 -14.06 9.38 7.22
C GLN A 188 -13.08 8.76 8.21
N VAL A 189 -11.82 9.21 8.17
CA VAL A 189 -10.84 8.72 9.13
C VAL A 189 -11.27 9.04 10.57
N ALA A 190 -11.71 10.29 10.80
CA ALA A 190 -12.17 10.71 12.11
C ALA A 190 -13.37 9.89 12.56
N GLU A 191 -14.31 9.65 11.64
CA GLU A 191 -15.50 8.85 11.96
C GLU A 191 -15.10 7.44 12.30
N ALA A 192 -14.18 6.89 11.51
CA ALA A 192 -13.79 5.50 11.67
C ALA A 192 -13.16 5.30 13.03
N ARG A 193 -12.36 6.27 13.46
CA ARG A 193 -11.58 6.13 14.68
C ARG A 193 -12.47 6.17 15.93
N LYS A 194 -13.75 6.49 15.74
CA LYS A 194 -14.72 6.42 16.84
C LYS A 194 -15.24 4.98 17.02
N ILE A 195 -15.15 4.18 15.96
CA ILE A 195 -15.67 2.81 15.95
C ILE A 195 -14.55 1.80 16.25
N ALA A 196 -13.37 2.06 15.72
CA ALA A 196 -12.27 1.12 15.87
C ALA A 196 -10.93 1.83 15.86
N GLU A 197 -9.90 1.18 16.40
CA GLU A 197 -8.56 1.72 16.28
C GLU A 197 -8.13 1.55 14.82
N ILE A 198 -7.52 2.59 14.26
CA ILE A 198 -7.06 2.55 12.87
C ILE A 198 -5.52 2.64 12.85
N VAL A 199 -4.85 1.71 12.19
CA VAL A 199 -3.40 1.66 12.28
C VAL A 199 -2.72 2.25 11.03
N CYS A 200 -3.46 2.36 9.94
CA CYS A 200 -2.91 2.98 8.73
C CYS A 200 -4.01 3.53 7.82
N VAL A 201 -3.59 4.47 6.99
CA VAL A 201 -4.42 5.05 5.93
C VAL A 201 -3.67 4.94 4.60
N GLN A 202 -4.29 4.30 3.62
CA GLN A 202 -3.67 4.04 2.32
C GLN A 202 -4.44 4.82 1.24
N ASN A 203 -3.81 5.86 0.70
CA ASN A 203 -4.45 6.86 -0.17
C ASN A 203 -3.59 7.24 -1.38
N GLU A 204 -4.22 7.78 -2.42
CA GLU A 204 -3.48 8.37 -3.54
C GLU A 204 -2.61 9.53 -3.07
N TYR A 205 -1.33 9.51 -3.43
CA TYR A 205 -0.40 10.53 -3.00
C TYR A 205 0.95 10.33 -3.67
N ASN A 206 1.49 11.40 -4.24
CA ASN A 206 2.89 11.39 -4.67
C ASN A 206 3.40 12.82 -4.75
N ILE A 207 4.61 12.99 -5.25
CA ILE A 207 5.24 14.30 -5.30
C ILE A 207 4.42 15.32 -6.12
N ALA A 208 3.58 14.86 -7.04
CA ALA A 208 2.76 15.75 -7.86
C ALA A 208 1.27 15.81 -7.44
N HIS A 209 0.90 15.02 -6.44
CA HIS A 209 -0.49 15.01 -5.95
C HIS A 209 -0.48 15.07 -4.43
N ARG A 210 -0.50 16.28 -3.87
CA ARG A 210 -0.21 16.40 -2.45
C ARG A 210 -1.36 16.92 -1.59
N ALA A 211 -2.59 16.71 -2.05
CA ALA A 211 -3.78 17.11 -1.29
C ALA A 211 -3.79 16.59 0.16
N ASP A 212 -3.23 15.41 0.40
CA ASP A 212 -3.32 14.80 1.73
C ASP A 212 -2.27 15.28 2.72
N ASP A 213 -1.49 16.31 2.36
CA ASP A 213 -0.32 16.70 3.15
C ASP A 213 -0.63 16.94 4.63
N ALA A 214 -1.69 17.70 4.92
CA ALA A 214 -2.02 18.00 6.31
C ALA A 214 -2.43 16.73 7.07
N MET A 215 -3.18 15.85 6.41
CA MET A 215 -3.57 14.60 7.07
C MET A 215 -2.36 13.72 7.37
N ILE A 216 -1.42 13.63 6.43
CA ILE A 216 -0.19 12.86 6.65
C ILE A 216 0.47 13.28 7.96
N ASP A 217 0.61 14.60 8.14
CA ASP A 217 1.27 15.13 9.33
C ASP A 217 0.46 14.85 10.60
N ALA A 218 -0.85 15.09 10.53
CA ALA A 218 -1.75 14.79 11.63
C ALA A 218 -1.69 13.31 12.02
N LEU A 219 -1.73 12.43 11.02
CA LEU A 219 -1.65 10.99 11.27
C LEU A 219 -0.35 10.63 11.95
N ALA A 220 0.74 11.23 11.49
CA ALA A 220 2.08 10.98 12.04
C ALA A 220 2.15 11.25 13.54
N HIS A 221 1.58 12.39 13.94
CA HIS A 221 1.53 12.82 15.33
C HIS A 221 0.78 11.80 16.20
N ASP A 222 -0.24 11.16 15.64
CA ASP A 222 -0.99 10.13 16.36
C ASP A 222 -0.41 8.73 16.21
N GLY A 223 0.68 8.61 15.45
CA GLY A 223 1.36 7.34 15.29
C GLY A 223 0.69 6.39 14.31
N ILE A 224 -0.13 6.96 13.41
CA ILE A 224 -0.81 6.20 12.38
C ILE A 224 -0.04 6.27 11.06
N ALA A 225 0.21 5.12 10.45
CA ALA A 225 0.97 5.05 9.20
C ALA A 225 0.17 5.59 8.01
N TYR A 226 0.90 6.13 7.03
CA TYR A 226 0.31 6.58 5.79
C TYR A 226 1.00 5.84 4.64
N VAL A 227 0.20 5.26 3.75
CA VAL A 227 0.71 4.40 2.70
C VAL A 227 0.29 4.96 1.34
N PRO A 228 1.19 5.73 0.71
CA PRO A 228 0.83 6.34 -0.57
C PRO A 228 0.74 5.28 -1.65
N PHE A 229 -0.18 5.40 -2.60
CA PHE A 229 0.01 4.65 -3.84
C PHE A 229 0.05 5.54 -5.09
N PHE A 230 0.68 4.97 -6.10
CA PHE A 230 1.11 5.58 -7.36
C PHE A 230 2.21 6.64 -7.12
N PRO A 231 3.47 6.19 -6.82
CA PRO A 231 4.66 7.01 -6.51
C PRO A 231 5.11 7.88 -7.68
N LEU A 232 5.03 7.29 -8.87
CA LEU A 232 5.22 7.98 -10.13
C LEU A 232 3.94 7.89 -10.90
N GLY A 233 3.36 9.01 -11.25
CA GLY A 233 2.23 8.96 -12.15
C GLY A 233 1.28 10.12 -12.07
N GLY A 234 0.49 10.29 -13.12
CA GLY A 234 -0.33 11.46 -13.30
C GLY A 234 0.59 12.68 -13.36
N PHE A 235 1.78 12.49 -13.92
CA PHE A 235 2.74 13.58 -14.06
C PHE A 235 2.62 14.25 -15.42
N THR A 236 2.61 15.58 -15.42
CA THR A 236 2.66 16.34 -16.65
C THR A 236 4.08 16.25 -17.23
N PRO A 237 4.24 16.58 -18.52
CA PRO A 237 5.59 16.54 -19.10
C PRO A 237 6.57 17.41 -18.32
N LEU A 238 6.16 18.57 -17.83
CA LEU A 238 7.09 19.41 -17.06
C LEU A 238 7.42 18.80 -15.69
N GLN A 239 6.41 18.20 -15.05
CA GLN A 239 6.63 17.51 -13.77
C GLN A 239 7.64 16.39 -13.97
N SER A 240 7.39 15.57 -14.99
CA SER A 240 8.23 14.44 -15.32
C SER A 240 9.65 14.86 -15.70
N SER A 241 9.76 15.93 -16.47
CA SER A 241 11.06 16.42 -16.90
C SER A 241 11.90 16.90 -15.70
N THR A 242 11.24 17.54 -14.75
CA THR A 242 11.94 18.03 -13.56
C THR A 242 12.46 16.86 -12.71
N LEU A 243 11.64 15.85 -12.53
CA LEU A 243 12.04 14.66 -11.78
C LEU A 243 13.22 13.98 -12.47
N SER A 244 13.15 13.92 -13.81
CA SER A 244 14.19 13.29 -14.60
C SER A 244 15.51 14.08 -14.53
N ASP A 245 15.41 15.42 -14.53
CA ASP A 245 16.60 16.26 -14.34
C ASP A 245 17.24 16.00 -12.97
N VAL A 246 16.44 15.97 -11.92
CA VAL A 246 16.98 15.70 -10.59
C VAL A 246 17.62 14.31 -10.53
N ALA A 247 16.94 13.32 -11.08
CA ALA A 247 17.43 11.95 -11.08
C ALA A 247 18.81 11.83 -11.73
N ALA A 248 18.98 12.49 -12.87
CA ALA A 248 20.23 12.48 -13.61
C ALA A 248 21.33 13.14 -12.80
N SER A 249 21.02 14.26 -12.15
CA SER A 249 22.01 14.94 -11.32
C SER A 249 22.50 14.05 -10.17
N LEU A 250 21.65 13.15 -9.69
CA LEU A 250 21.99 12.27 -8.58
C LEU A 250 22.50 10.87 -8.98
N GLY A 251 22.60 10.61 -10.28
CA GLY A 251 22.95 9.27 -10.73
C GLY A 251 21.89 8.26 -10.32
N ALA A 252 20.65 8.73 -10.25
CA ALA A 252 19.56 7.86 -9.86
C ALA A 252 18.49 7.78 -10.94
N THR A 253 17.51 6.94 -10.65
CA THR A 253 16.35 6.69 -11.48
C THR A 253 15.17 7.58 -11.01
N PRO A 254 14.26 7.99 -11.91
CA PRO A 254 13.10 8.76 -11.41
C PRO A 254 12.30 8.02 -10.32
N MET A 255 12.08 6.72 -10.49
CA MET A 255 11.41 5.93 -9.44
C MET A 255 12.16 6.05 -8.12
N GLN A 256 13.49 5.94 -8.16
CA GLN A 256 14.27 6.06 -6.93
C GLN A 256 14.12 7.42 -6.27
N VAL A 257 14.10 8.50 -7.07
CA VAL A 257 13.92 9.82 -6.49
C VAL A 257 12.53 9.94 -5.88
N ALA A 258 11.52 9.46 -6.59
CA ALA A 258 10.15 9.54 -6.07
C ALA A 258 10.02 8.80 -4.74
N LEU A 259 10.62 7.62 -4.65
CA LEU A 259 10.61 6.82 -3.43
C LEU A 259 11.40 7.48 -2.30
N ALA A 260 12.60 7.98 -2.60
CA ALA A 260 13.40 8.65 -1.58
C ALA A 260 12.68 9.90 -1.06
N TRP A 261 12.02 10.62 -1.95
CA TRP A 261 11.27 11.79 -1.54
C TRP A 261 10.15 11.42 -0.56
N LEU A 262 9.41 10.36 -0.87
CA LEU A 262 8.34 9.92 0.03
C LEU A 262 8.92 9.51 1.38
N LEU A 263 10.05 8.82 1.38
CA LEU A 263 10.65 8.39 2.65
C LEU A 263 10.94 9.57 3.56
N GLN A 264 11.52 10.63 2.99
CA GLN A 264 11.91 11.76 3.82
C GLN A 264 10.73 12.68 4.15
N ARG A 265 9.64 12.60 3.38
CA ARG A 265 8.50 13.51 3.57
C ARG A 265 7.92 13.44 4.99
N SER A 266 7.83 12.24 5.54
CA SER A 266 7.26 12.06 6.87
C SER A 266 7.66 10.69 7.40
N PRO A 267 8.00 10.59 8.69
CA PRO A 267 8.45 9.30 9.20
C PRO A 267 7.35 8.22 9.28
N ASN A 268 6.07 8.57 9.19
CA ASN A 268 5.00 7.53 9.20
C ASN A 268 4.66 6.97 7.82
N ILE A 269 5.37 7.41 6.78
CA ILE A 269 5.07 6.95 5.42
C ILE A 269 5.70 5.57 5.12
N LEU A 270 4.86 4.62 4.73
CA LEU A 270 5.32 3.28 4.34
C LEU A 270 5.16 3.12 2.83
N LEU A 271 6.21 2.65 2.18
CA LEU A 271 6.20 2.50 0.74
C LEU A 271 5.93 1.06 0.32
N ILE A 272 5.06 0.91 -0.66
CA ILE A 272 4.75 -0.40 -1.22
C ILE A 272 4.84 -0.43 -2.76
N PRO A 273 5.99 -0.02 -3.33
CA PRO A 273 6.09 -0.11 -4.80
C PRO A 273 5.93 -1.54 -5.29
N GLY A 274 5.21 -1.69 -6.40
CA GLY A 274 4.98 -3.00 -6.98
C GLY A 274 5.80 -3.19 -8.26
N THR A 275 6.19 -4.43 -8.53
CA THR A 275 6.93 -4.74 -9.75
C THR A 275 6.92 -6.24 -10.02
N SER A 276 6.98 -6.59 -11.29
CA SER A 276 7.10 -7.97 -11.75
C SER A 276 8.55 -8.30 -12.09
N SER A 277 9.44 -7.35 -11.82
CA SER A 277 10.83 -7.42 -12.28
C SER A 277 11.83 -7.44 -11.13
N VAL A 278 12.73 -8.42 -11.14
CA VAL A 278 13.75 -8.48 -10.09
C VAL A 278 14.67 -7.24 -10.14
N ALA A 279 15.03 -6.80 -11.35
CA ALA A 279 15.93 -5.65 -11.48
C ALA A 279 15.29 -4.39 -10.88
N HIS A 280 14.01 -4.16 -11.20
CA HIS A 280 13.29 -3.03 -10.66
C HIS A 280 13.18 -3.13 -9.14
N LEU A 281 12.96 -4.33 -8.62
CA LEU A 281 12.85 -4.51 -7.17
C LEU A 281 14.13 -4.06 -6.46
N ARG A 282 15.27 -4.52 -6.98
CA ARG A 282 16.57 -4.16 -6.41
C ARG A 282 16.81 -2.65 -6.47
N GLU A 283 16.49 -2.05 -7.62
CA GLU A 283 16.55 -0.61 -7.80
C GLU A 283 15.65 0.15 -6.81
N ASN A 284 14.44 -0.34 -6.63
CA ASN A 284 13.53 0.25 -5.66
C ASN A 284 14.08 0.17 -4.22
N MET A 285 14.63 -0.98 -3.85
CA MET A 285 15.17 -1.10 -2.50
C MET A 285 16.40 -0.19 -2.34
N ALA A 286 17.13 0.03 -3.43
CA ALA A 286 18.32 0.87 -3.39
C ALA A 286 17.99 2.35 -3.19
N ALA A 287 16.71 2.71 -3.31
CA ALA A 287 16.30 4.09 -3.08
C ALA A 287 16.58 4.51 -1.62
N GLU A 288 16.72 3.54 -0.73
CA GLU A 288 17.07 3.85 0.66
C GLU A 288 18.42 4.56 0.76
N LYS A 289 19.32 4.27 -0.18
CA LYS A 289 20.68 4.82 -0.11
C LYS A 289 20.74 6.28 -0.54
N LEU A 290 19.66 6.76 -1.16
CA LEU A 290 19.65 8.08 -1.76
C LEU A 290 19.44 9.19 -0.73
N HIS A 291 20.36 10.13 -0.66
CA HIS A 291 20.20 11.27 0.24
C HIS A 291 19.82 12.52 -0.54
N LEU A 292 18.67 13.10 -0.20
CA LEU A 292 18.21 14.29 -0.91
C LEU A 292 18.62 15.54 -0.14
N SER A 293 19.47 16.36 -0.76
CA SER A 293 19.91 17.59 -0.13
C SER A 293 18.78 18.61 -0.06
N GLU A 294 18.95 19.65 0.75
CA GLU A 294 17.89 20.64 0.88
C GLU A 294 17.70 21.40 -0.43
N GLU A 295 18.75 21.51 -1.23
CA GLU A 295 18.65 22.13 -2.55
C GLU A 295 17.75 21.31 -3.49
N VAL A 296 18.02 20.01 -3.54
CA VAL A 296 17.20 19.10 -4.32
C VAL A 296 15.76 19.12 -3.82
N LEU A 297 15.60 19.12 -2.49
CA LEU A 297 14.26 19.09 -1.90
C LEU A 297 13.46 20.32 -2.30
N SER A 298 14.12 21.48 -2.34
CA SER A 298 13.46 22.68 -2.81
C SER A 298 12.94 22.52 -4.24
N THR A 299 13.77 21.97 -5.12
CA THR A 299 13.31 21.66 -6.47
C THR A 299 12.14 20.66 -6.44
N LEU A 300 12.29 19.61 -5.63
CA LEU A 300 11.28 18.56 -5.55
C LEU A 300 9.99 19.05 -4.88
N ASP A 301 10.11 19.78 -3.77
CA ASP A 301 8.92 20.25 -3.05
C ASP A 301 8.12 21.21 -3.90
N GLY A 302 8.71 21.68 -5.00
CA GLY A 302 8.05 22.61 -5.89
C GLY A 302 7.42 22.02 -7.15
N ILE A 303 7.51 20.70 -7.31
CA ILE A 303 6.91 20.03 -8.47
C ILE A 303 5.38 20.08 -8.48
N SER A 304 4.77 19.94 -7.30
CA SER A 304 3.31 19.98 -7.21
C SER A 304 2.77 21.34 -7.57
N ARG A 305 3.57 22.38 -7.32
CA ARG A 305 3.18 23.75 -7.64
C ARG A 305 3.88 24.21 -8.91
#